data_3GDW
#
_entry.id   3GDW
#
_cell.length_a   43.127
_cell.length_b   71.418
_cell.length_c   94.502
_cell.angle_alpha   90.00
_cell.angle_beta   90.00
_cell.angle_gamma   90.00
#
_symmetry.space_group_name_H-M   'P 21 21 21'
#
loop_
_entity.id
_entity.type
_entity.pdbx_description
1 polymer 'Sigma-54 interaction domain protein'
2 non-polymer 1,2-ETHANEDIOL
3 water water
#
_entity_poly.entity_id   1
_entity_poly.type   'polypeptide(L)'
_entity_poly.pdbx_seq_one_letter_code
;SNANVGVFVL(MSE)HGDSTASS(MSE)LKTAQELLGTSIGTA(MSE)N(MSE)PLT(MSE)EVQT(MSE)YEQLRNQVI
TQKESLNNGILLLTD(MSE)GSLNSFGN(MSE)LFEETGIRTKAIT(MSE)TST(MSE)IVLEAIR(MSE)ASVGRSLED
IYQNIQLSFESVVREQFRSSLQK
;
_entity_poly.pdbx_strand_id   A,B
#
loop_
_chem_comp.id
_chem_comp.type
_chem_comp.name
_chem_comp.formula
EDO non-polymer 1,2-ETHANEDIOL 'C2 H6 O2'
#
# COMPACT_ATOMS: atom_id res chain seq x y z
N SER A 1 -28.44 -12.83 -6.89
CA SER A 1 -27.91 -11.83 -7.87
C SER A 1 -27.30 -10.60 -7.15
N ASN A 2 -27.73 -10.38 -5.90
CA ASN A 2 -27.50 -9.10 -5.21
C ASN A 2 -26.22 -8.99 -4.39
N ALA A 3 -25.47 -10.10 -4.19
CA ALA A 3 -24.28 -10.02 -3.31
C ALA A 3 -23.27 -9.01 -3.84
N ASN A 4 -22.78 -8.16 -2.95
CA ASN A 4 -21.59 -7.37 -3.27
C ASN A 4 -20.39 -8.29 -3.33
N VAL A 5 -19.42 -7.93 -4.16
CA VAL A 5 -18.10 -8.57 -4.18
C VAL A 5 -17.52 -8.47 -2.75
N GLY A 6 -17.03 -9.59 -2.22
CA GLY A 6 -16.42 -9.57 -0.87
C GLY A 6 -14.95 -9.17 -0.97
N VAL A 7 -14.59 -8.06 -0.33
CA VAL A 7 -13.22 -7.54 -0.40
C VAL A 7 -12.52 -7.93 0.90
N PHE A 8 -11.35 -8.55 0.76
CA PHE A 8 -10.53 -8.97 1.90
C PHE A 8 -9.17 -8.31 1.76
N VAL A 9 -8.79 -7.55 2.79
CA VAL A 9 -7.50 -6.86 2.82
C VAL A 9 -6.56 -7.67 3.71
N LEU A 10 -5.53 -8.25 3.13
CA LEU A 10 -4.60 -9.11 3.89
C LEU A 10 -3.23 -8.47 3.80
N MSE A 11 -2.70 -7.99 4.92
CA MSE A 11 -1.42 -7.24 4.94
C MSE A 11 -0.54 -7.71 6.10
O MSE A 11 -1.03 -8.13 7.15
CB MSE A 11 -1.65 -5.74 5.14
CG MSE A 11 -2.58 -5.06 4.14
SE MSE A 11 -1.83 -5.08 2.33
CE MSE A 11 -0.74 -3.50 2.49
N HIS A 12 0.78 -7.57 5.93
CA HIS A 12 1.72 -7.84 7.01
C HIS A 12 1.90 -6.72 8.00
N GLY A 13 1.71 -7.03 9.27
CA GLY A 13 1.97 -6.08 10.32
C GLY A 13 0.84 -6.05 11.33
N ASP A 14 1.02 -5.21 12.34
CA ASP A 14 0.07 -5.12 13.43
C ASP A 14 -1.29 -4.60 13.02
N SER A 15 -1.32 -3.57 12.17
CA SER A 15 -2.59 -2.88 11.85
C SER A 15 -2.67 -2.28 10.45
N THR A 16 -1.82 -2.76 9.54
CA THR A 16 -1.80 -2.20 8.20
C THR A 16 -3.12 -2.39 7.45
N ALA A 17 -3.62 -3.64 7.40
CA ALA A 17 -4.90 -3.96 6.77
C ALA A 17 -6.08 -3.23 7.43
N SER A 18 -6.21 -3.38 8.75
CA SER A 18 -7.33 -2.76 9.47
C SER A 18 -7.30 -1.22 9.37
N SER A 19 -6.11 -0.62 9.48
CA SER A 19 -6.02 0.83 9.27
C SER A 19 -6.43 1.32 7.87
N MSE A 20 -6.00 0.60 6.83
CA MSE A 20 -6.37 0.99 5.48
C MSE A 20 -7.87 0.80 5.29
O MSE A 20 -8.53 1.67 4.71
CB MSE A 20 -5.61 0.21 4.40
CG MSE A 20 -4.13 0.52 4.27
SE MSE A 20 -3.45 -0.41 2.70
CE MSE A 20 -3.96 -2.16 3.28
N LEU A 21 -8.41 -0.33 5.77
CA LEU A 21 -9.84 -0.57 5.65
C LEU A 21 -10.65 0.49 6.38
N LYS A 22 -10.23 0.84 7.60
N LYS A 22 -10.23 0.85 7.60
CA LYS A 22 -10.95 1.86 8.37
CA LYS A 22 -10.92 1.86 8.38
C LYS A 22 -10.96 3.21 7.66
C LYS A 22 -10.96 3.19 7.64
N THR A 23 -9.83 3.59 7.07
CA THR A 23 -9.72 4.85 6.29
C THR A 23 -10.75 4.86 5.16
N ALA A 24 -10.85 3.74 4.47
CA ALA A 24 -11.77 3.61 3.35
C ALA A 24 -13.22 3.66 3.83
N GLN A 25 -13.53 2.90 4.88
CA GLN A 25 -14.87 2.82 5.41
C GLN A 25 -15.34 4.18 5.94
N GLU A 26 -14.43 4.89 6.62
CA GLU A 26 -14.74 6.23 7.12
C GLU A 26 -14.88 7.28 6.00
N LEU A 27 -13.99 7.23 5.00
CA LEU A 27 -14.08 8.18 3.87
C LEU A 27 -15.36 7.99 3.06
N LEU A 28 -15.83 6.75 2.99
CA LEU A 28 -16.95 6.38 2.15
C LEU A 28 -18.28 6.20 2.90
N GLY A 29 -18.24 6.10 4.23
CA GLY A 29 -19.45 5.89 5.00
C GLY A 29 -20.05 4.51 4.75
N THR A 30 -19.20 3.49 4.74
CA THR A 30 -19.64 2.11 4.57
C THR A 30 -18.97 1.22 5.62
N SER A 31 -19.62 0.09 5.95
CA SER A 31 -19.04 -0.86 6.87
C SER A 31 -18.59 -2.17 6.20
N ILE A 32 -18.59 -2.23 4.86
CA ILE A 32 -18.27 -3.50 4.19
C ILE A 32 -16.76 -3.76 4.19
N GLY A 33 -16.37 -5.02 3.94
CA GLY A 33 -14.98 -5.38 3.74
C GLY A 33 -14.45 -6.06 4.98
N THR A 34 -13.42 -6.86 4.82
CA THR A 34 -12.80 -7.57 5.93
C THR A 34 -11.32 -7.30 5.86
N ALA A 35 -10.73 -7.03 7.01
CA ALA A 35 -9.30 -6.83 7.09
C ALA A 35 -8.72 -7.94 7.94
N MSE A 36 -7.54 -8.41 7.58
CA MSE A 36 -6.84 -9.42 8.32
C MSE A 36 -5.40 -8.99 8.40
O MSE A 36 -4.67 -8.98 7.40
CB MSE A 36 -6.94 -10.78 7.63
CG MSE A 36 -8.31 -11.42 7.84
SE MSE A 36 -8.43 -13.13 6.87
CE MSE A 36 -10.37 -13.46 7.11
N ASN A 37 -5.02 -8.58 9.61
CA ASN A 37 -3.67 -8.16 9.92
C ASN A 37 -2.89 -9.42 10.16
N MSE A 38 -1.84 -9.66 9.39
CA MSE A 38 -1.02 -10.86 9.61
C MSE A 38 0.27 -10.55 10.36
O MSE A 38 1.17 -9.92 9.81
CB MSE A 38 -0.73 -11.54 8.27
CG MSE A 38 -1.99 -11.74 7.36
SE MSE A 38 -3.32 -13.08 7.97
CE MSE A 38 -4.40 -13.13 6.34
N PRO A 39 0.38 -10.97 11.62
CA PRO A 39 1.64 -10.72 12.33
C PRO A 39 2.81 -11.53 11.74
N LEU A 40 4.03 -11.03 11.93
CA LEU A 40 5.21 -11.66 11.37
C LEU A 40 5.48 -13.08 11.89
N THR A 41 5.02 -13.37 13.10
CA THR A 41 5.05 -14.71 13.70
C THR A 41 4.07 -15.74 13.08
N MSE A 42 3.13 -15.33 12.25
CA MSE A 42 2.13 -16.29 11.81
C MSE A 42 2.60 -17.09 10.61
O MSE A 42 3.16 -16.53 9.68
CB MSE A 42 0.80 -15.60 11.50
CG MSE A 42 -0.27 -16.55 11.10
SE MSE A 42 -2.00 -15.61 10.94
CE MSE A 42 -2.29 -15.40 12.88
N GLU A 43 2.33 -18.39 10.63
CA GLU A 43 2.70 -19.27 9.53
C GLU A 43 1.86 -18.98 8.30
N VAL A 44 2.43 -19.21 7.11
CA VAL A 44 1.70 -19.06 5.86
C VAL A 44 0.41 -19.87 5.86
N GLN A 45 0.49 -21.11 6.37
CA GLN A 45 -0.69 -21.98 6.36
C GLN A 45 -1.76 -21.45 7.30
N THR A 46 -1.38 -20.95 8.47
CA THR A 46 -2.35 -20.32 9.40
C THR A 46 -3.07 -19.13 8.76
N MSE A 47 -2.32 -18.28 8.07
CA MSE A 47 -2.88 -17.11 7.36
C MSE A 47 -3.93 -17.55 6.34
O MSE A 47 -5.02 -16.96 6.28
CB MSE A 47 -1.81 -16.32 6.59
CG MSE A 47 -0.64 -15.80 7.43
SE MSE A 47 0.54 -14.45 6.58
CE MSE A 47 1.55 -14.00 8.18
N TYR A 48 -3.57 -18.58 5.54
CA TYR A 48 -4.46 -19.12 4.53
C TYR A 48 -5.74 -19.67 5.17
N GLU A 49 -5.57 -20.48 6.20
CA GLU A 49 -6.74 -21.07 6.87
C GLU A 49 -7.64 -20.02 7.52
N GLN A 50 -7.05 -18.90 7.93
CA GLN A 50 -7.82 -17.85 8.52
C GLN A 50 -8.76 -17.30 7.45
N LEU A 51 -8.22 -17.05 6.25
CA LEU A 51 -9.02 -16.54 5.15
C LEU A 51 -10.07 -17.55 4.73
N ARG A 52 -9.62 -18.77 4.44
CA ARG A 52 -10.48 -19.83 3.95
C ARG A 52 -11.63 -20.10 4.92
N ASN A 53 -11.30 -20.18 6.22
CA ASN A 53 -12.29 -20.42 7.27
C ASN A 53 -13.41 -19.41 7.28
N GLN A 54 -13.09 -18.11 7.17
CA GLN A 54 -14.16 -17.12 7.13
C GLN A 54 -15.00 -17.30 5.87
N VAL A 55 -14.33 -17.39 4.72
CA VAL A 55 -14.99 -17.51 3.43
C VAL A 55 -16.07 -18.61 3.40
N ILE A 56 -15.70 -19.81 3.85
CA ILE A 56 -16.61 -20.95 3.72
C ILE A 56 -17.78 -20.94 4.72
N THR A 57 -17.77 -19.99 5.66
CA THR A 57 -18.94 -19.81 6.55
C THR A 57 -19.96 -18.80 5.98
N GLN A 58 -19.65 -18.20 4.84
CA GLN A 58 -20.52 -17.19 4.25
C GLN A 58 -20.52 -17.28 2.70
N LYS A 59 -20.54 -18.51 2.20
CA LYS A 59 -20.44 -18.80 0.75
C LYS A 59 -21.44 -18.02 -0.13
N GLU A 60 -22.72 -17.99 0.27
CA GLU A 60 -23.73 -17.32 -0.53
C GLU A 60 -23.57 -15.81 -0.56
N SER A 61 -23.10 -15.24 0.56
CA SER A 61 -22.77 -13.81 0.58
C SER A 61 -21.59 -13.47 -0.33
N LEU A 62 -20.89 -14.49 -0.82
CA LEU A 62 -19.74 -14.28 -1.71
C LEU A 62 -20.00 -14.83 -3.11
N ASN A 63 -21.27 -15.08 -3.44
CA ASN A 63 -21.57 -15.73 -4.71
C ASN A 63 -21.36 -14.82 -5.94
N ASN A 64 -20.97 -13.57 -5.72
CA ASN A 64 -20.55 -12.71 -6.83
C ASN A 64 -19.02 -12.52 -6.83
N GLY A 65 -18.35 -13.39 -6.08
CA GLY A 65 -16.91 -13.47 -6.13
C GLY A 65 -16.21 -12.72 -5.02
N ILE A 66 -14.89 -12.88 -5.02
CA ILE A 66 -14.01 -12.45 -3.93
C ILE A 66 -12.81 -11.69 -4.51
N LEU A 67 -12.51 -10.52 -3.95
CA LEU A 67 -11.31 -9.75 -4.31
C LEU A 67 -10.36 -9.71 -3.10
N LEU A 68 -9.13 -10.24 -3.26
CA LEU A 68 -8.11 -10.20 -2.20
C LEU A 68 -7.16 -9.07 -2.54
N LEU A 69 -6.90 -8.24 -1.55
CA LEU A 69 -5.99 -7.13 -1.64
C LEU A 69 -4.84 -7.43 -0.68
N THR A 70 -3.64 -7.66 -1.21
CA THR A 70 -2.55 -8.20 -0.42
C THR A 70 -1.31 -7.36 -0.62
N ASP A 71 -0.28 -7.60 0.18
CA ASP A 71 0.94 -6.83 0.00
C ASP A 71 2.07 -7.72 -0.54
N MSE A 72 2.42 -8.73 0.21
CA MSE A 72 3.71 -9.39 0.04
C MSE A 72 3.54 -10.76 -0.48
O MSE A 72 2.48 -11.35 -0.36
CB MSE A 72 4.46 -9.46 1.34
CG MSE A 72 4.40 -8.19 2.12
SE MSE A 72 6.13 -7.73 2.43
CE MSE A 72 6.41 -8.57 4.18
N GLY A 73 4.65 -11.25 -1.01
CA GLY A 73 4.75 -12.48 -1.74
C GLY A 73 3.93 -13.68 -1.35
N SER A 74 4.02 -14.12 -0.09
CA SER A 74 3.37 -15.38 0.33
C SER A 74 1.84 -15.33 0.10
N LEU A 75 1.25 -14.16 0.34
CA LEU A 75 -0.20 -13.98 0.22
C LEU A 75 -0.65 -14.03 -1.24
N ASN A 76 0.29 -13.86 -2.18
CA ASN A 76 -0.06 -13.70 -3.59
C ASN A 76 -0.59 -14.97 -4.28
N SER A 77 -0.33 -16.14 -3.68
CA SER A 77 -0.90 -17.41 -4.13
C SER A 77 -2.33 -17.68 -3.62
N PHE A 78 -2.78 -16.93 -2.62
CA PHE A 78 -4.03 -17.28 -1.91
C PHE A 78 -5.26 -17.22 -2.80
N GLY A 79 -5.24 -16.33 -3.81
CA GLY A 79 -6.39 -16.18 -4.71
C GLY A 79 -6.73 -17.43 -5.48
N ASN A 80 -5.74 -17.95 -6.18
CA ASN A 80 -5.94 -19.16 -6.96
C ASN A 80 -6.21 -20.36 -6.06
N MSE A 81 -5.49 -20.42 -4.94
CA MSE A 81 -5.70 -21.49 -3.96
C MSE A 81 -7.15 -21.51 -3.43
O MSE A 81 -7.79 -22.56 -3.38
CB MSE A 81 -4.72 -21.32 -2.82
CG MSE A 81 -4.51 -22.53 -2.04
SE MSE A 81 -2.89 -22.34 -1.03
CE MSE A 81 -1.57 -22.29 -2.39
N LEU A 82 -7.64 -20.33 -3.06
CA LEU A 82 -9.00 -20.18 -2.55
C LEU A 82 -10.02 -20.62 -3.58
N PHE A 83 -9.82 -20.20 -4.81
CA PHE A 83 -10.71 -20.56 -5.89
C PHE A 83 -10.72 -22.08 -6.15
N GLU A 84 -9.54 -22.68 -6.16
CA GLU A 84 -9.40 -24.12 -6.41
C GLU A 84 -10.11 -24.92 -5.33
N GLU A 85 -9.97 -24.47 -4.10
CA GLU A 85 -10.56 -25.16 -2.97
C GLU A 85 -12.07 -24.95 -2.86
N THR A 86 -12.54 -23.72 -3.05
CA THR A 86 -13.95 -23.41 -2.79
C THR A 86 -14.83 -23.33 -4.05
N GLY A 87 -14.23 -23.11 -5.21
CA GLY A 87 -15.00 -22.89 -6.44
C GLY A 87 -15.54 -21.46 -6.58
N ILE A 88 -15.29 -20.61 -5.58
CA ILE A 88 -15.78 -19.24 -5.61
C ILE A 88 -14.76 -18.41 -6.36
N ARG A 89 -15.23 -17.71 -7.39
CA ARG A 89 -14.33 -16.92 -8.22
C ARG A 89 -13.61 -15.85 -7.40
N THR A 90 -12.28 -15.75 -7.57
CA THR A 90 -11.43 -14.92 -6.75
C THR A 90 -10.45 -14.18 -7.64
N LYS A 91 -10.26 -12.90 -7.39
CA LYS A 91 -9.20 -12.13 -8.04
C LYS A 91 -8.34 -11.56 -6.95
N ALA A 92 -7.10 -11.24 -7.30
CA ALA A 92 -6.16 -10.78 -6.31
C ALA A 92 -5.25 -9.69 -6.87
N ILE A 93 -5.06 -8.67 -6.05
CA ILE A 93 -4.24 -7.50 -6.36
C ILE A 93 -3.15 -7.41 -5.29
N THR A 94 -1.90 -7.35 -5.74
N THR A 94 -1.89 -7.39 -5.71
CA THR A 94 -0.76 -7.23 -4.84
CA THR A 94 -0.81 -7.23 -4.76
C THR A 94 -0.36 -5.78 -4.71
C THR A 94 -0.30 -5.80 -4.77
N MSE A 95 0.66 -5.52 -3.90
CA MSE A 95 1.18 -4.19 -3.64
C MSE A 95 0.04 -3.22 -3.31
O MSE A 95 -0.04 -2.12 -3.80
CB MSE A 95 2.09 -3.69 -4.79
CG MSE A 95 3.33 -2.94 -4.25
SE MSE A 95 4.37 -2.30 -5.69
CE MSE A 95 5.72 -3.74 -5.63
N THR A 96 -0.86 -3.69 -2.47
CA THR A 96 -2.02 -2.93 -2.06
C THR A 96 -1.60 -1.70 -1.27
N SER A 97 -2.18 -0.55 -1.61
CA SER A 97 -2.04 0.68 -0.83
C SER A 97 -3.41 1.27 -0.56
N THR A 98 -3.45 2.35 0.23
CA THR A 98 -4.70 2.97 0.64
C THR A 98 -5.70 3.21 -0.53
N MSE A 99 -5.23 3.80 -1.61
N MSE A 99 -5.22 3.81 -1.62
N MSE A 99 -5.21 3.79 -1.61
CA MSE A 99 -6.11 4.09 -2.73
CA MSE A 99 -6.09 4.09 -2.77
CA MSE A 99 -6.05 4.10 -2.78
C MSE A 99 -6.68 2.83 -3.40
C MSE A 99 -6.71 2.82 -3.35
C MSE A 99 -6.64 2.86 -3.47
O MSE A 99 -7.79 2.88 -3.94
O MSE A 99 -7.86 2.83 -3.77
O MSE A 99 -7.70 2.94 -4.07
CB MSE A 99 -5.44 4.98 -3.77
CB MSE A 99 -5.34 4.84 -3.88
CB MSE A 99 -5.28 4.96 -3.80
CG MSE A 99 -6.13 4.92 -5.09
CG MSE A 99 -6.19 5.17 -5.11
CG MSE A 99 -6.05 5.30 -5.05
SE MSE A 99 -5.52 6.29 -6.31
SE MSE A 99 -6.20 3.85 -6.59
SE MSE A 99 -7.66 6.35 -4.74
CE MSE A 99 -5.43 5.19 -7.90
CE MSE A 99 -7.78 2.80 -6.13
CE MSE A 99 -8.04 7.01 -6.54
N ILE A 100 -5.93 1.73 -3.36
CA ILE A 100 -6.43 0.44 -3.87
C ILE A 100 -7.63 -0.04 -3.01
N VAL A 101 -7.45 -0.03 -1.69
CA VAL A 101 -8.53 -0.40 -0.79
C VAL A 101 -9.71 0.55 -0.98
N LEU A 102 -9.45 1.85 -1.02
CA LEU A 102 -10.51 2.87 -1.18
C LEU A 102 -11.40 2.56 -2.40
N GLU A 103 -10.80 2.47 -3.57
N GLU A 103 -10.77 2.49 -3.58
CA GLU A 103 -11.58 2.28 -4.78
CA GLU A 103 -11.47 2.24 -4.85
C GLU A 103 -12.23 0.90 -4.85
C GLU A 103 -12.21 0.92 -4.82
N ALA A 104 -11.57 -0.12 -4.30
CA ALA A 104 -12.16 -1.48 -4.27
C ALA A 104 -13.42 -1.49 -3.40
N ILE A 105 -13.32 -0.92 -2.20
CA ILE A 105 -14.44 -0.79 -1.29
C ILE A 105 -15.56 0.10 -1.90
N ARG A 106 -15.20 1.23 -2.52
N ARG A 106 -15.21 1.24 -2.50
CA ARG A 106 -16.19 2.13 -3.15
CA ARG A 106 -16.22 2.09 -3.14
C ARG A 106 -17.00 1.41 -4.25
C ARG A 106 -17.01 1.29 -4.17
N MSE A 107 -16.30 0.69 -5.12
CA MSE A 107 -16.97 -0.09 -6.17
C MSE A 107 -17.78 -1.28 -5.66
O MSE A 107 -18.93 -1.49 -6.08
CB MSE A 107 -15.97 -0.49 -7.24
CG MSE A 107 -15.47 0.70 -7.99
SE MSE A 107 -14.23 0.25 -9.43
CE MSE A 107 -15.40 -0.57 -10.72
N ALA A 108 -17.21 -2.02 -4.72
CA ALA A 108 -17.92 -3.19 -4.22
C ALA A 108 -19.22 -2.77 -3.57
N SER A 109 -19.18 -1.65 -2.83
CA SER A 109 -20.31 -1.19 -2.04
C SER A 109 -21.43 -0.69 -2.94
N VAL A 110 -21.10 -0.24 -4.14
CA VAL A 110 -22.15 0.19 -5.06
C VAL A 110 -22.58 -0.94 -6.03
N GLY A 111 -22.13 -2.16 -5.76
CA GLY A 111 -22.59 -3.32 -6.49
C GLY A 111 -21.86 -3.67 -7.79
N ARG A 112 -20.68 -3.06 -8.02
CA ARG A 112 -19.86 -3.38 -9.20
C ARG A 112 -19.42 -4.86 -9.18
N SER A 113 -19.24 -5.43 -10.37
CA SER A 113 -18.88 -6.84 -10.50
C SER A 113 -17.39 -7.06 -10.22
N LEU A 114 -16.99 -8.30 -9.93
CA LEU A 114 -15.58 -8.61 -9.66
C LEU A 114 -14.70 -8.23 -10.83
N GLU A 115 -15.10 -8.62 -12.05
CA GLU A 115 -14.26 -8.36 -13.19
C GLU A 115 -14.06 -6.87 -13.36
N ASP A 116 -15.13 -6.10 -13.19
CA ASP A 116 -15.07 -4.65 -13.36
C ASP A 116 -14.16 -3.98 -12.35
N ILE A 117 -14.30 -4.37 -11.09
CA ILE A 117 -13.52 -3.78 -10.02
C ILE A 117 -12.03 -4.06 -10.29
N TYR A 118 -11.71 -5.31 -10.56
CA TYR A 118 -10.34 -5.75 -10.86
C TYR A 118 -9.71 -5.01 -12.03
N GLN A 119 -10.48 -4.95 -13.12
N GLN A 119 -10.46 -4.90 -13.13
CA GLN A 119 -10.09 -4.21 -14.32
CA GLN A 119 -9.96 -4.19 -14.30
C GLN A 119 -9.75 -2.77 -13.97
C GLN A 119 -9.75 -2.70 -14.02
N ASN A 120 -10.72 -2.07 -13.40
N ASN A 120 -10.71 -2.06 -13.35
CA ASN A 120 -10.56 -0.65 -13.07
CA ASN A 120 -10.60 -0.65 -13.00
C ASN A 120 -9.38 -0.34 -12.14
C ASN A 120 -9.34 -0.37 -12.16
N ILE A 121 -9.17 -1.18 -11.12
CA ILE A 121 -8.06 -1.00 -10.17
C ILE A 121 -6.73 -1.16 -10.90
N GLN A 122 -6.62 -2.17 -11.75
CA GLN A 122 -5.40 -2.39 -12.51
C GLN A 122 -5.07 -1.27 -13.48
N LEU A 123 -6.11 -0.76 -14.13
CA LEU A 123 -5.97 0.40 -15.03
C LEU A 123 -5.52 1.67 -14.27
N SER A 124 -6.13 1.94 -13.10
CA SER A 124 -5.78 3.07 -12.23
C SER A 124 -4.36 2.94 -11.70
N PHE A 125 -4.04 1.75 -11.25
CA PHE A 125 -2.72 1.49 -10.71
C PHE A 125 -1.66 1.78 -11.79
N GLU A 126 -1.89 1.29 -13.00
CA GLU A 126 -0.92 1.49 -14.07
C GLU A 126 -0.83 2.97 -14.44
N SER A 127 -1.96 3.67 -14.47
CA SER A 127 -1.93 5.08 -14.81
C SER A 127 -1.07 5.90 -13.84
N VAL A 128 -1.24 5.64 -12.55
CA VAL A 128 -0.60 6.42 -11.51
C VAL A 128 0.90 6.13 -11.49
N VAL A 129 1.26 4.86 -11.64
CA VAL A 129 2.66 4.46 -11.80
C VAL A 129 3.33 5.21 -12.95
N ARG A 130 2.69 5.19 -14.12
CA ARG A 130 3.24 5.83 -15.31
C ARG A 130 3.38 7.35 -15.13
N GLU A 131 2.40 7.98 -14.49
CA GLU A 131 2.52 9.42 -14.21
C GLU A 131 3.61 9.72 -13.17
N GLN A 132 3.72 8.88 -12.15
N GLN A 132 3.71 8.85 -12.17
CA GLN A 132 4.73 9.02 -11.09
CA GLN A 132 4.68 8.93 -11.09
C GLN A 132 6.15 8.99 -11.67
C GLN A 132 6.13 8.94 -11.62
N PHE A 133 6.41 8.05 -12.57
CA PHE A 133 7.75 7.86 -13.09
C PHE A 133 7.99 8.51 -14.46
N ARG A 134 7.04 9.34 -14.90
CA ARG A 134 7.10 10.00 -16.21
C ARG A 134 8.34 10.89 -16.42
N SER A 135 8.54 11.86 -15.53
CA SER A 135 9.51 12.95 -15.80
C SER A 135 10.54 13.12 -14.70
N SER B 1 27.50 13.54 3.59
CA SER B 1 28.32 12.81 2.58
C SER B 1 28.26 11.29 2.82
N ASN B 2 28.21 10.89 4.09
CA ASN B 2 27.96 9.49 4.47
C ASN B 2 26.61 9.30 5.19
N ALA B 3 25.85 10.38 5.33
CA ALA B 3 24.47 10.26 5.76
C ALA B 3 23.79 9.18 4.92
N ASN B 4 23.00 8.33 5.54
CA ASN B 4 22.08 7.50 4.77
C ASN B 4 20.96 8.42 4.27
N VAL B 5 20.37 8.07 3.13
CA VAL B 5 19.14 8.71 2.66
C VAL B 5 18.08 8.62 3.77
N GLY B 6 17.37 9.72 4.03
CA GLY B 6 16.31 9.73 5.02
C GLY B 6 14.96 9.31 4.43
N VAL B 7 14.37 8.28 5.00
CA VAL B 7 13.09 7.75 4.50
C VAL B 7 11.95 8.18 5.43
N PHE B 8 10.94 8.83 4.84
CA PHE B 8 9.76 9.23 5.61
C PHE B 8 8.54 8.60 4.97
N VAL B 9 7.72 7.95 5.80
CA VAL B 9 6.51 7.29 5.29
C VAL B 9 5.29 8.07 5.77
N LEU B 10 4.53 8.64 4.83
CA LEU B 10 3.36 9.47 5.19
C LEU B 10 2.11 8.93 4.51
N MSE B 11 1.09 8.58 5.31
CA MSE B 11 -0.13 7.96 4.75
C MSE B 11 -1.41 8.39 5.47
O MSE B 11 -1.39 8.80 6.63
CB MSE B 11 -0.02 6.41 4.76
CG MSE B 11 1.07 5.90 3.85
SE MSE B 11 1.33 4.01 3.95
CE MSE B 11 2.79 3.92 2.67
N HIS B 12 -2.53 8.30 4.76
CA HIS B 12 -3.83 8.60 5.34
C HIS B 12 -4.22 7.51 6.32
N GLY B 13 -4.86 7.89 7.43
CA GLY B 13 -5.41 6.89 8.35
C GLY B 13 -4.61 6.89 9.63
N ASP B 14 -5.02 6.05 10.60
CA ASP B 14 -4.45 6.11 11.94
C ASP B 14 -3.09 5.45 12.12
N SER B 15 -2.82 4.36 11.39
CA SER B 15 -1.62 3.56 11.64
C SER B 15 -1.07 2.79 10.44
N THR B 16 -1.50 3.15 9.24
CA THR B 16 -1.00 2.46 8.05
C THR B 16 0.49 2.70 7.87
N ALA B 17 0.90 3.96 7.88
CA ALA B 17 2.31 4.28 7.67
C ALA B 17 3.19 3.63 8.76
N SER B 18 2.78 3.79 10.04
CA SER B 18 3.60 3.31 11.14
C SER B 18 3.67 1.78 11.19
N SER B 19 2.54 1.12 10.92
CA SER B 19 2.50 -0.34 10.92
C SER B 19 3.33 -0.93 9.76
N MSE B 20 3.22 -0.33 8.58
CA MSE B 20 4.08 -0.76 7.46
C MSE B 20 5.55 -0.59 7.79
O MSE B 20 6.34 -1.48 7.46
CB MSE B 20 3.82 0.01 6.17
CG MSE B 20 2.72 -0.48 5.37
SE MSE B 20 2.69 0.55 3.71
CE MSE B 20 0.98 -0.16 3.14
N LEU B 21 5.91 0.55 8.39
CA LEU B 21 7.32 0.80 8.76
C LEU B 21 7.80 -0.18 9.85
N LYS B 22 6.95 -0.44 10.84
CA LYS B 22 7.30 -1.38 11.89
C LYS B 22 7.61 -2.75 11.27
N THR B 23 6.75 -3.20 10.36
CA THR B 23 6.99 -4.44 9.61
C THR B 23 8.37 -4.49 8.92
N ALA B 24 8.69 -3.45 8.15
CA ALA B 24 10.00 -3.40 7.51
C ALA B 24 11.12 -3.42 8.53
N GLN B 25 10.95 -2.64 9.60
CA GLN B 25 11.98 -2.50 10.61
C GLN B 25 12.29 -3.81 11.34
N GLU B 26 11.22 -4.56 11.62
CA GLU B 26 11.34 -5.86 12.27
C GLU B 26 11.89 -6.89 11.30
N LEU B 27 11.47 -6.86 10.02
CA LEU B 27 12.08 -7.76 9.04
C LEU B 27 13.56 -7.50 8.84
N LEU B 28 13.99 -6.23 8.87
CA LEU B 28 15.41 -5.88 8.64
C LEU B 28 16.27 -5.77 9.90
N GLY B 29 15.66 -5.77 11.07
CA GLY B 29 16.42 -5.51 12.30
C GLY B 29 17.06 -4.12 12.38
N THR B 30 16.36 -3.10 11.86
CA THR B 30 16.84 -1.72 11.91
C THR B 30 15.76 -0.81 12.51
N SER B 31 16.16 0.34 13.03
CA SER B 31 15.15 1.28 13.50
C SER B 31 15.16 2.59 12.71
N ILE B 32 15.79 2.57 11.54
CA ILE B 32 15.84 3.79 10.71
C ILE B 32 14.51 4.00 9.94
N GLY B 33 14.25 5.22 9.51
CA GLY B 33 12.98 5.55 8.85
C GLY B 33 12.04 6.18 9.86
N THR B 34 11.13 7.01 9.35
CA THR B 34 10.19 7.74 10.16
C THR B 34 8.82 7.60 9.53
N ALA B 35 7.82 7.22 10.34
CA ALA B 35 6.44 7.17 9.83
C ALA B 35 5.55 8.24 10.47
N MSE B 36 4.62 8.80 9.69
CA MSE B 36 3.69 9.78 10.23
C MSE B 36 2.35 9.44 9.64
O MSE B 36 2.24 9.28 8.44
CB MSE B 36 4.06 11.19 9.75
CG MSE B 36 5.55 11.47 9.83
SE MSE B 36 5.90 13.40 9.77
CE MSE B 36 7.22 13.42 11.21
N ASN B 37 1.33 9.37 10.50
CA ASN B 37 -0.01 8.99 10.06
C ASN B 37 -0.84 10.24 10.00
N MSE B 38 -1.59 10.43 8.92
CA MSE B 38 -2.49 11.58 8.84
C MSE B 38 -3.92 11.11 9.07
O MSE B 38 -4.55 10.58 8.14
CB MSE B 38 -2.39 12.28 7.48
CG MSE B 38 -3.18 13.60 7.46
SE MSE B 38 -2.90 14.52 5.76
CE MSE B 38 -4.07 13.38 4.68
N PRO B 39 -4.44 11.33 10.29
CA PRO B 39 -5.78 10.85 10.52
C PRO B 39 -6.78 11.71 9.75
N LEU B 40 -7.98 11.20 9.59
CA LEU B 40 -8.88 11.82 8.63
C LEU B 40 -9.31 13.25 9.00
N THR B 41 -9.30 13.58 10.29
CA THR B 41 -9.65 14.94 10.73
C THR B 41 -8.50 15.93 10.57
N MSE B 42 -7.29 15.47 10.23
CA MSE B 42 -6.13 16.35 10.16
C MSE B 42 -6.02 17.03 8.79
O MSE B 42 -6.07 16.37 7.78
CB MSE B 42 -4.83 15.60 10.46
CG MSE B 42 -3.56 16.44 10.16
SE MSE B 42 -1.91 15.59 10.85
CE MSE B 42 -2.02 16.06 12.73
N GLU B 43 -5.85 18.35 8.77
CA GLU B 43 -5.68 19.05 7.50
C GLU B 43 -4.32 18.73 6.88
N VAL B 44 -4.29 18.70 5.55
CA VAL B 44 -3.07 18.40 4.79
C VAL B 44 -1.89 19.33 5.17
N GLN B 45 -2.16 20.63 5.26
CA GLN B 45 -1.12 21.61 5.67
C GLN B 45 -0.52 21.29 7.06
N THR B 46 -1.37 20.85 7.99
CA THR B 46 -0.90 20.47 9.32
C THR B 46 0.13 19.33 9.23
N MSE B 47 -0.12 18.37 8.33
CA MSE B 47 0.79 17.23 8.14
C MSE B 47 2.11 17.69 7.55
O MSE B 47 3.19 17.28 8.00
CB MSE B 47 0.17 16.16 7.25
CG MSE B 47 1.11 15.02 6.96
SE MSE B 47 1.67 14.10 8.66
CE MSE B 47 0.12 13.33 8.98
N TYR B 48 2.04 18.56 6.55
CA TYR B 48 3.26 19.09 5.96
C TYR B 48 4.13 19.73 7.05
N GLU B 49 3.50 20.47 7.95
CA GLU B 49 4.27 21.19 8.97
C GLU B 49 4.95 20.21 9.95
N GLN B 50 4.30 19.09 10.25
CA GLN B 50 4.92 18.03 11.06
C GLN B 50 6.18 17.51 10.37
N LEU B 51 6.06 17.23 9.08
CA LEU B 51 7.18 16.68 8.34
C LEU B 51 8.32 17.70 8.20
N ARG B 52 7.95 18.91 7.82
CA ARG B 52 8.92 19.98 7.61
C ARG B 52 9.72 20.25 8.90
N ASN B 53 9.01 20.29 10.04
CA ASN B 53 9.65 20.53 11.31
C ASN B 53 10.69 19.48 11.70
N GLN B 54 10.41 18.21 11.43
CA GLN B 54 11.40 17.19 11.72
C GLN B 54 12.58 17.25 10.75
N VAL B 55 12.28 17.42 9.47
CA VAL B 55 13.30 17.59 8.45
C VAL B 55 14.26 18.73 8.84
N ILE B 56 13.70 19.87 9.23
CA ILE B 56 14.50 21.06 9.58
C ILE B 56 15.47 20.79 10.75
N THR B 57 14.96 20.11 11.77
CA THR B 57 15.75 19.67 12.91
C THR B 57 16.95 18.83 12.47
N GLN B 58 16.70 17.82 11.64
CA GLN B 58 17.70 16.84 11.29
C GLN B 58 18.46 17.18 10.00
N LYS B 59 18.36 18.43 9.56
CA LYS B 59 18.97 18.88 8.30
C LYS B 59 20.38 18.30 8.08
N GLU B 60 21.22 18.40 9.11
CA GLU B 60 22.64 18.01 9.02
C GLU B 60 22.86 16.50 8.84
N SER B 61 21.84 15.70 9.15
CA SER B 61 21.92 14.25 9.00
C SER B 61 21.24 13.77 7.70
N LEU B 62 20.74 14.72 6.93
CA LEU B 62 20.01 14.43 5.71
C LEU B 62 20.76 15.02 4.49
N ASN B 63 22.09 14.92 4.55
CA ASN B 63 22.99 15.41 3.49
C ASN B 63 22.87 14.70 2.15
N ASN B 64 22.33 13.48 2.16
CA ASN B 64 22.21 12.71 0.93
C ASN B 64 20.78 12.57 0.43
N GLY B 65 19.93 13.45 0.91
CA GLY B 65 18.59 13.58 0.37
C GLY B 65 17.55 12.84 1.18
N ILE B 66 16.31 13.02 0.77
CA ILE B 66 15.14 12.50 1.50
C ILE B 66 14.27 11.73 0.51
N LEU B 67 13.77 10.56 0.92
CA LEU B 67 12.75 9.89 0.16
C LEU B 67 11.42 9.88 0.93
N LEU B 68 10.39 10.53 0.35
CA LEU B 68 9.02 10.49 0.88
C LEU B 68 8.24 9.40 0.19
N LEU B 69 7.72 8.49 0.99
CA LEU B 69 6.87 7.41 0.52
C LEU B 69 5.46 7.71 1.00
N THR B 70 4.54 7.93 0.07
CA THR B 70 3.16 8.27 0.43
C THR B 70 2.16 7.28 -0.20
N ASP B 71 0.89 7.43 0.15
CA ASP B 71 -0.14 6.61 -0.43
C ASP B 71 -0.88 7.32 -1.59
N MSE B 72 -1.52 8.46 -1.32
CA MSE B 72 -2.39 9.09 -2.31
C MSE B 72 -2.62 10.57 -1.95
O MSE B 72 -2.02 11.08 -1.00
CB MSE B 72 -3.73 8.35 -2.35
CG MSE B 72 -4.39 8.28 -0.98
SE MSE B 72 -6.09 7.47 -0.95
CE MSE B 72 -6.98 8.58 -2.30
N GLY B 73 -3.47 11.25 -2.73
CA GLY B 73 -3.89 12.64 -2.43
C GLY B 73 -2.75 13.66 -2.52
N SER B 74 -2.81 14.68 -1.67
CA SER B 74 -1.90 15.84 -1.74
C SER B 74 -0.47 15.53 -1.26
N LEU B 75 -0.31 14.40 -0.60
CA LEU B 75 0.92 14.10 0.09
C LEU B 75 2.17 14.12 -0.83
N ASN B 76 2.04 13.70 -2.09
CA ASN B 76 3.24 13.72 -2.93
C ASN B 76 3.80 15.09 -3.18
N SER B 77 2.92 16.10 -3.22
CA SER B 77 3.36 17.48 -3.37
C SER B 77 4.35 17.93 -2.30
N PHE B 78 4.41 17.20 -1.18
CA PHE B 78 5.32 17.59 -0.08
C PHE B 78 6.77 17.48 -0.51
N GLY B 79 7.05 16.58 -1.46
CA GLY B 79 8.43 16.35 -1.88
C GLY B 79 9.07 17.61 -2.46
N ASN B 80 8.39 18.22 -3.43
CA ASN B 80 8.90 19.41 -4.01
C ASN B 80 8.84 20.57 -3.01
N MSE B 81 7.80 20.60 -2.17
CA MSE B 81 7.67 21.65 -1.15
C MSE B 81 8.86 21.67 -0.21
O MSE B 81 9.39 22.72 0.10
CB MSE B 81 6.38 21.48 -0.35
CG MSE B 81 5.20 22.26 -0.89
SE MSE B 81 3.54 21.68 -0.07
CE MSE B 81 2.27 22.43 -1.38
N LEU B 82 9.28 20.49 0.25
CA LEU B 82 10.43 20.38 1.14
C LEU B 82 11.72 20.81 0.47
N PHE B 83 11.90 20.39 -0.78
CA PHE B 83 13.09 20.82 -1.54
C PHE B 83 13.13 22.34 -1.68
N GLU B 84 12.03 22.95 -2.10
CA GLU B 84 11.92 24.42 -2.23
C GLU B 84 12.22 25.12 -0.91
N GLU B 85 11.69 24.59 0.19
CA GLU B 85 11.80 25.23 1.51
C GLU B 85 13.16 25.01 2.20
N THR B 86 13.70 23.80 2.11
CA THR B 86 14.93 23.45 2.83
C THR B 86 16.14 23.32 1.88
N GLY B 87 15.88 23.11 0.59
CA GLY B 87 16.98 22.85 -0.35
C GLY B 87 17.57 21.45 -0.28
N ILE B 88 16.98 20.59 0.56
CA ILE B 88 17.40 19.19 0.63
C ILE B 88 16.76 18.44 -0.53
N ARG B 89 17.58 17.72 -1.29
CA ARG B 89 17.11 16.90 -2.42
C ARG B 89 16.08 15.88 -1.92
N THR B 90 14.92 15.86 -2.56
CA THR B 90 13.81 14.98 -2.15
C THR B 90 13.25 14.29 -3.39
N LYS B 91 12.95 13.00 -3.28
CA LYS B 91 12.15 12.29 -4.27
C LYS B 91 10.92 11.82 -3.49
N ALA B 92 9.75 11.85 -4.13
CA ALA B 92 8.50 11.39 -3.53
C ALA B 92 7.87 10.28 -4.38
N ILE B 93 7.40 9.22 -3.73
CA ILE B 93 6.80 8.09 -4.44
C ILE B 93 5.44 7.80 -3.83
N THR B 94 4.40 7.82 -4.68
N THR B 94 4.39 7.80 -4.66
CA THR B 94 3.01 7.48 -4.30
CA THR B 94 3.04 7.49 -4.21
C THR B 94 2.74 5.97 -4.38
C THR B 94 2.69 6.01 -4.46
N MSE B 95 1.56 5.57 -3.90
CA MSE B 95 1.06 4.19 -4.04
C MSE B 95 1.98 3.22 -3.28
O MSE B 95 2.14 2.08 -3.67
CB MSE B 95 0.90 3.79 -5.53
CG MSE B 95 0.00 4.71 -6.35
SE MSE B 95 -1.88 4.69 -5.78
CE MSE B 95 -2.16 6.63 -5.72
N THR B 96 2.60 3.71 -2.22
CA THR B 96 3.56 2.92 -1.46
C THR B 96 2.87 1.76 -0.76
N SER B 97 3.47 0.56 -0.83
CA SER B 97 2.98 -0.61 -0.13
C SER B 97 4.12 -1.14 0.75
N THR B 98 3.85 -2.18 1.55
CA THR B 98 4.82 -2.74 2.51
C THR B 98 6.18 -3.05 1.87
N MSE B 99 6.15 -3.67 0.69
CA MSE B 99 7.37 -4.09 -0.01
C MSE B 99 8.26 -2.93 -0.38
O MSE B 99 9.48 -3.05 -0.32
CB MSE B 99 7.05 -4.85 -1.28
CG MSE B 99 6.51 -6.22 -0.98
SE MSE B 99 7.83 -7.24 0.06
CE MSE B 99 9.56 -6.60 -0.70
N ILE B 100 7.61 -1.84 -0.77
CA ILE B 100 8.28 -0.61 -1.16
C ILE B 100 8.94 0.02 0.08
N VAL B 101 8.23 0.10 1.20
CA VAL B 101 8.86 0.57 2.46
C VAL B 101 10.08 -0.34 2.78
N LEU B 102 9.85 -1.65 2.73
CA LEU B 102 10.92 -2.60 3.00
C LEU B 102 12.15 -2.36 2.12
N GLU B 103 11.93 -2.28 0.83
N GLU B 103 11.94 -2.30 0.82
CA GLU B 103 13.03 -2.06 -0.12
CA GLU B 103 13.03 -2.03 -0.13
C GLU B 103 13.73 -0.70 0.07
C GLU B 103 13.74 -0.72 0.20
N ALA B 104 12.96 0.34 0.38
CA ALA B 104 13.51 1.67 0.63
C ALA B 104 14.42 1.69 1.87
N ILE B 105 13.91 1.16 2.96
CA ILE B 105 14.69 1.15 4.22
C ILE B 105 15.92 0.25 4.06
N ARG B 106 15.75 -0.91 3.41
CA ARG B 106 16.89 -1.84 3.28
C ARG B 106 18.03 -1.14 2.54
N MSE B 107 17.70 -0.56 1.39
CA MSE B 107 18.71 0.10 0.58
C MSE B 107 19.28 1.33 1.26
O MSE B 107 20.52 1.53 1.26
CB MSE B 107 18.15 0.45 -0.80
CG MSE B 107 17.81 -0.78 -1.59
SE MSE B 107 17.21 -0.38 -3.38
CE MSE B 107 15.50 0.44 -3.09
N ALA B 108 18.41 2.16 1.85
CA ALA B 108 18.88 3.32 2.63
C ALA B 108 19.91 2.94 3.73
N SER B 109 19.58 1.88 4.48
CA SER B 109 20.40 1.46 5.62
C SER B 109 21.78 0.95 5.22
N VAL B 110 21.97 0.60 3.95
CA VAL B 110 23.30 0.18 3.51
C VAL B 110 24.00 1.27 2.68
N GLY B 111 23.44 2.48 2.72
CA GLY B 111 24.08 3.64 2.08
C GLY B 111 23.88 3.83 0.57
N ARG B 112 22.91 3.15 -0.04
CA ARG B 112 22.58 3.38 -1.45
C ARG B 112 22.06 4.80 -1.66
N SER B 113 22.35 5.40 -2.82
CA SER B 113 21.97 6.79 -3.10
C SER B 113 20.45 6.91 -3.34
N LEU B 114 19.93 8.13 -3.18
CA LEU B 114 18.53 8.43 -3.45
C LEU B 114 18.12 7.97 -4.86
N GLU B 115 18.99 8.21 -5.83
CA GLU B 115 18.76 7.85 -7.23
C GLU B 115 18.70 6.34 -7.45
N ASP B 116 19.60 5.60 -6.80
N ASP B 116 19.59 5.59 -6.82
CA ASP B 116 19.67 4.15 -6.89
CA ASP B 116 19.57 4.12 -6.95
C ASP B 116 18.43 3.49 -6.26
C ASP B 116 18.34 3.54 -6.30
N ILE B 117 17.99 4.06 -5.13
CA ILE B 117 16.81 3.61 -4.44
C ILE B 117 15.56 3.89 -5.28
N TYR B 118 15.48 5.10 -5.83
CA TYR B 118 14.35 5.52 -6.66
C TYR B 118 14.19 4.63 -7.90
N GLN B 119 15.32 4.31 -8.53
CA GLN B 119 15.33 3.44 -9.71
C GLN B 119 14.88 2.05 -9.36
N ASN B 120 15.41 1.47 -8.28
CA ASN B 120 14.99 0.11 -7.88
C ASN B 120 13.52 0.02 -7.48
N ILE B 121 13.01 1.08 -6.89
CA ILE B 121 11.60 1.12 -6.56
C ILE B 121 10.76 1.23 -7.83
N GLN B 122 11.19 2.05 -8.78
CA GLN B 122 10.49 2.12 -10.05
C GLN B 122 10.44 0.74 -10.70
N LEU B 123 11.55 -0.01 -10.69
CA LEU B 123 11.53 -1.36 -11.26
C LEU B 123 10.56 -2.31 -10.54
N SER B 124 10.40 -2.15 -9.22
CA SER B 124 9.45 -2.94 -8.48
C SER B 124 8.03 -2.63 -8.93
N PHE B 125 7.71 -1.34 -9.05
CA PHE B 125 6.40 -0.96 -9.54
C PHE B 125 6.18 -1.56 -10.94
N GLU B 126 7.17 -1.41 -11.84
CA GLU B 126 7.05 -1.93 -13.21
C GLU B 126 6.82 -3.43 -13.25
N SER B 127 7.52 -4.19 -12.40
CA SER B 127 7.29 -5.63 -12.31
C SER B 127 5.84 -5.94 -11.98
N VAL B 128 5.27 -5.19 -11.04
CA VAL B 128 3.88 -5.40 -10.64
C VAL B 128 2.87 -5.03 -11.73
N VAL B 129 3.14 -3.94 -12.45
CA VAL B 129 2.30 -3.52 -13.56
C VAL B 129 2.21 -4.65 -14.59
N ARG B 130 3.36 -5.27 -14.82
CA ARG B 130 3.47 -6.35 -15.77
C ARG B 130 2.79 -7.65 -15.28
N GLU B 131 3.01 -8.01 -14.01
N GLU B 131 3.03 -8.01 -14.01
CA GLU B 131 2.34 -9.16 -13.37
CA GLU B 131 2.34 -9.15 -13.38
C GLU B 131 0.82 -9.00 -13.44
C GLU B 131 0.83 -9.00 -13.47
N GLN B 132 0.34 -7.80 -13.10
CA GLN B 132 -1.09 -7.48 -13.22
C GLN B 132 -1.59 -7.54 -14.67
N PHE B 133 -0.79 -6.98 -15.58
CA PHE B 133 -1.12 -7.05 -17.00
C PHE B 133 -1.33 -8.48 -17.45
N ARG B 134 -0.38 -9.35 -17.11
CA ARG B 134 -0.46 -10.76 -17.52
C ARG B 134 -1.64 -11.51 -16.89
N SER B 135 -1.99 -11.16 -15.65
CA SER B 135 -3.16 -11.75 -14.97
C SER B 135 -4.50 -11.35 -15.57
N SER B 136 -4.61 -10.09 -16.01
CA SER B 136 -5.81 -9.60 -16.69
C SER B 136 -6.10 -10.32 -18.02
N LEU B 137 -5.12 -11.06 -18.51
CA LEU B 137 -5.23 -11.65 -19.85
C LEU B 137 -6.05 -12.92 -19.84
N GLN B 138 -5.86 -13.73 -18.79
CA GLN B 138 -6.60 -14.98 -18.62
C GLN B 138 -7.97 -14.71 -17.99
C1 EDO C . 5.80 -8.57 -20.76
O1 EDO C . 4.40 -8.52 -20.70
C2 EDO C . 6.44 -7.31 -20.24
O2 EDO C . 7.76 -7.77 -19.88
#